data_7SKH
#
_entry.id   7SKH
#
_cell.length_a   90.861
_cell.length_b   90.861
_cell.length_c   170.680
_cell.angle_alpha   90.000
_cell.angle_beta   90.000
_cell.angle_gamma   90.000
#
_symmetry.space_group_name_H-M   'P 43 21 2'
#
loop_
_entity.id
_entity.type
_entity.pdbx_description
1 polymer Cadherin-23
2 non-polymer 'CALCIUM ION'
3 water water
#
_entity_poly.entity_id   1
_entity_poly.type   'polypeptide(L)'
_entity_poly.pdbx_seq_one_letter_code
;MNAPVFQQPHYEVVLDEGPDTINTSLITVQALDLDEGPNGTVTYAIVAGNIINTFRINKHTGVITAAKELDYEISHGRYT
LIVTATDQCPILSHRLTSTTTVLVNVNDINDNVPTFPRDYEGPFDVTEGQPGPRVWTFLAHDRDSGPNGQVEYSVVDGDP
LGEFVISPVEGVLRVRKDVELDRETIAFYNLTICARDRGVPPLSSTMLVGIRVLDINDNLEHHHHHH
;
_entity_poly.pdbx_strand_id   A,B
#
loop_
_chem_comp.id
_chem_comp.type
_chem_comp.name
_chem_comp.formula
CA non-polymer 'CALCIUM ION' 'Ca 2'
#
# COMPACT_ATOMS: atom_id res chain seq x y z
N ALA A 3 46.73 9.91 17.79
CA ALA A 3 45.45 10.46 17.21
C ALA A 3 44.40 9.36 17.06
N PRO A 4 43.22 9.53 17.68
CA PRO A 4 42.20 8.47 17.75
C PRO A 4 41.55 8.06 16.39
N VAL A 5 41.41 6.70 16.26
CA VAL A 5 40.94 6.05 15.01
C VAL A 5 39.49 5.59 15.18
N PHE A 6 38.60 6.19 14.40
CA PHE A 6 37.19 5.76 14.29
C PHE A 6 37.16 4.38 13.61
N GLN A 7 36.36 3.48 14.19
CA GLN A 7 36.28 2.06 13.79
C GLN A 7 35.59 1.97 12.42
N GLN A 8 34.55 2.78 12.18
CA GLN A 8 33.91 2.92 10.85
C GLN A 8 34.32 4.25 10.22
N PRO A 9 34.47 4.30 8.88
CA PRO A 9 34.73 5.55 8.16
C PRO A 9 33.51 6.49 8.14
N HIS A 10 32.31 5.94 7.98
CA HIS A 10 31.01 6.62 8.27
C HIS A 10 30.07 5.64 8.99
N TYR A 11 29.17 6.17 9.84
CA TYR A 11 28.12 5.40 10.56
C TYR A 11 26.76 5.84 10.04
N GLU A 12 25.79 4.94 10.04
CA GLU A 12 24.45 5.19 9.43
C GLU A 12 23.40 4.26 10.01
N VAL A 13 22.19 4.79 10.12
CA VAL A 13 20.98 4.06 10.59
C VAL A 13 19.77 4.61 9.80
N VAL A 14 18.70 3.83 9.68
CA VAL A 14 17.44 4.23 8.99
C VAL A 14 16.30 3.91 9.96
N LEU A 15 15.49 4.91 10.29
CA LEU A 15 14.35 4.78 11.24
C LEU A 15 13.13 5.52 10.66
N ASP A 16 11.93 5.04 10.95
CA ASP A 16 10.67 5.82 10.82
C ASP A 16 10.75 7.09 11.69
N GLU A 17 10.44 8.26 11.13
CA GLU A 17 10.16 9.45 11.95
C GLU A 17 8.99 9.14 12.88
N GLY A 18 8.78 9.98 13.89
CA GLY A 18 7.57 9.88 14.73
C GLY A 18 7.87 10.01 16.21
N PRO A 19 6.81 10.17 17.02
CA PRO A 19 6.98 10.37 18.47
C PRO A 19 7.55 9.16 19.23
N ASP A 20 7.54 7.95 18.65
CA ASP A 20 8.16 6.74 19.27
C ASP A 20 9.68 6.88 19.33
N THR A 21 10.30 7.76 18.53
CA THR A 21 11.77 7.95 18.49
C THR A 21 12.28 8.75 19.71
N ILE A 22 11.43 9.44 20.48
CA ILE A 22 11.89 10.34 21.58
C ILE A 22 12.55 9.47 22.66
N ASN A 23 13.83 9.77 22.95
CA ASN A 23 14.67 9.24 24.06
C ASN A 23 15.16 7.84 23.73
N THR A 24 15.18 7.45 22.46
CA THR A 24 15.70 6.13 22.05
C THR A 24 17.17 6.33 21.67
N SER A 25 17.97 5.30 21.93
CA SER A 25 19.35 5.11 21.44
C SER A 25 19.34 4.77 19.95
N LEU A 26 19.98 5.60 19.13
CA LEU A 26 19.93 5.41 17.66
C LEU A 26 21.11 4.55 17.22
N ILE A 27 22.29 4.80 17.79
CA ILE A 27 23.57 4.26 17.29
C ILE A 27 24.68 4.68 18.27
N THR A 28 25.73 3.87 18.35
CA THR A 28 26.92 4.19 19.18
C THR A 28 28.15 4.17 18.25
N VAL A 29 28.92 5.28 18.28
CA VAL A 29 30.19 5.41 17.52
C VAL A 29 31.32 5.02 18.47
N GLN A 30 32.49 4.66 17.94
CA GLN A 30 33.65 4.14 18.70
C GLN A 30 34.97 4.48 17.98
N ALA A 31 35.94 5.06 18.71
CA ALA A 31 37.35 5.22 18.28
C ALA A 31 38.29 4.65 19.34
N LEU A 32 39.58 4.45 19.02
CA LEU A 32 40.60 3.97 19.98
C LEU A 32 41.92 4.74 19.83
N VAL A 42 39.84 9.33 25.43
CA VAL A 42 38.91 9.40 24.26
C VAL A 42 37.47 9.83 24.68
N THR A 43 37.05 11.01 24.20
CA THR A 43 35.77 11.66 24.57
C THR A 43 35.01 12.09 23.29
N TYR A 44 33.67 12.07 23.30
CA TYR A 44 32.79 12.16 22.10
C TYR A 44 31.83 13.39 22.16
N ALA A 45 31.79 14.13 21.01
CA ALA A 45 30.94 15.33 20.85
C ALA A 45 30.27 15.34 19.46
N ILE A 46 29.09 15.93 19.39
CA ILE A 46 28.46 16.38 18.13
C ILE A 46 28.81 17.86 17.96
N VAL A 47 29.50 18.24 16.88
CA VAL A 47 30.00 19.62 16.63
C VAL A 47 29.24 20.31 15.48
N ALA A 48 28.44 19.61 14.67
CA ALA A 48 27.68 20.24 13.57
C ALA A 48 26.57 19.31 13.13
N GLY A 49 25.55 19.86 12.47
CA GLY A 49 24.44 19.10 11.87
C GLY A 49 23.33 18.77 12.87
N ASN A 50 23.45 19.20 14.12
CA ASN A 50 22.49 18.90 15.21
C ASN A 50 21.34 19.92 15.18
N ILE A 51 20.49 19.81 14.15
CA ILE A 51 19.26 20.60 13.86
C ILE A 51 18.42 20.69 15.14
N ILE A 52 18.13 21.92 15.59
CA ILE A 52 17.30 22.27 16.79
C ILE A 52 17.62 21.34 17.96
N ASN A 53 18.88 20.97 18.15
CA ASN A 53 19.34 20.14 19.29
C ASN A 53 18.47 18.88 19.34
N THR A 54 18.26 18.24 18.19
CA THR A 54 17.50 16.98 18.09
C THR A 54 18.23 15.88 18.85
N PHE A 55 19.55 15.88 18.79
CA PHE A 55 20.41 14.78 19.29
C PHE A 55 21.25 15.18 20.50
N ARG A 56 21.55 14.17 21.31
CA ARG A 56 22.44 14.15 22.50
C ARG A 56 23.43 13.00 22.30
N ILE A 57 24.71 13.21 22.64
CA ILE A 57 25.72 12.11 22.66
C ILE A 57 26.14 11.88 24.12
N ASN A 58 26.27 10.61 24.53
CA ASN A 58 26.90 10.29 25.84
C ASN A 58 28.46 10.41 25.67
N LYS A 59 28.97 11.49 26.29
CA LYS A 59 30.36 12.00 26.18
C LYS A 59 31.40 10.84 26.43
N HIS A 60 31.00 9.87 27.28
CA HIS A 60 31.81 8.67 27.65
C HIS A 60 31.47 7.46 26.74
N THR A 61 30.18 7.06 26.62
CA THR A 61 29.72 5.78 26.00
C THR A 61 29.60 5.90 24.47
N GLY A 62 29.37 7.11 23.96
CA GLY A 62 29.42 7.35 22.50
C GLY A 62 28.05 7.10 21.83
N VAL A 63 27.03 6.78 22.66
CA VAL A 63 25.64 6.48 22.19
C VAL A 63 24.96 7.81 21.84
N ILE A 64 24.42 7.90 20.63
CA ILE A 64 23.64 9.06 20.15
C ILE A 64 22.16 8.73 20.39
N THR A 65 21.48 9.56 21.18
CA THR A 65 20.07 9.41 21.58
C THR A 65 19.29 10.55 20.91
N ALA A 66 18.05 10.28 20.47
CA ALA A 66 17.12 11.32 19.95
C ALA A 66 16.52 12.06 21.15
N ALA A 67 16.89 13.32 21.39
CA ALA A 67 16.33 14.12 22.51
C ALA A 67 14.94 14.60 22.11
N LYS A 68 14.77 14.87 20.83
CA LYS A 68 13.51 15.35 20.25
C LYS A 68 13.12 14.32 19.20
N GLU A 69 11.87 14.39 18.79
CA GLU A 69 11.24 13.53 17.77
C GLU A 69 12.04 13.64 16.46
N LEU A 70 12.41 12.51 15.88
CA LEU A 70 12.94 12.47 14.50
C LEU A 70 11.80 12.87 13.59
N ASP A 71 12.09 13.73 12.65
CA ASP A 71 11.06 14.43 11.85
C ASP A 71 11.58 14.47 10.42
N TYR A 72 10.88 13.77 9.53
CA TYR A 72 11.19 13.81 8.08
C TYR A 72 11.06 15.24 7.57
N GLU A 73 10.12 16.03 8.10
CA GLU A 73 9.81 17.34 7.51
C GLU A 73 10.92 18.34 7.85
N ILE A 74 11.65 18.17 8.95
CA ILE A 74 12.77 19.11 9.24
C ILE A 74 14.03 18.61 8.50
N SER A 75 14.18 17.30 8.32
CA SER A 75 15.45 16.66 7.83
C SER A 75 15.42 16.36 6.32
N HIS A 76 14.24 16.37 5.70
CA HIS A 76 14.02 15.87 4.32
C HIS A 76 14.61 14.47 4.19
N GLY A 77 14.55 13.72 5.30
CA GLY A 77 14.85 12.27 5.29
C GLY A 77 16.26 11.97 5.75
N ARG A 78 17.05 12.98 6.10
CA ARG A 78 18.45 12.70 6.55
C ARG A 78 18.99 13.86 7.41
N TYR A 79 19.39 13.52 8.61
CA TYR A 79 20.25 14.36 9.47
C TYR A 79 21.70 13.92 9.27
N THR A 80 22.64 14.85 9.08
CA THR A 80 24.11 14.61 8.91
C THR A 80 24.86 15.24 10.07
N LEU A 81 25.33 14.42 11.00
CA LEU A 81 26.05 14.84 12.23
C LEU A 81 27.57 14.66 12.01
N ILE A 82 28.33 15.69 12.34
CA ILE A 82 29.81 15.65 12.44
C ILE A 82 30.15 15.33 13.89
N VAL A 83 30.81 14.19 14.12
CA VAL A 83 31.17 13.73 15.49
C VAL A 83 32.69 13.77 15.58
N THR A 84 33.20 14.20 16.73
CA THR A 84 34.64 14.23 17.03
C THR A 84 34.92 13.20 18.12
N ALA A 85 36.19 12.64 18.03
CA ALA A 85 36.81 11.86 19.15
C ALA A 85 38.15 12.53 19.51
N THR A 86 38.27 12.90 20.80
CA THR A 86 39.44 13.65 21.35
C THR A 86 39.99 12.99 22.62
N ASP A 87 41.31 13.02 22.81
CA ASP A 87 41.94 12.58 24.09
C ASP A 87 42.48 13.82 24.81
N ARG A 95 45.92 17.53 22.84
CA ARG A 95 44.61 16.81 22.77
C ARG A 95 44.24 16.54 21.32
N LEU A 96 44.62 15.36 20.81
CA LEU A 96 44.47 14.99 19.36
C LEU A 96 42.98 14.68 19.07
N THR A 97 42.54 15.08 17.86
CA THR A 97 41.13 14.93 17.40
C THR A 97 41.07 14.20 16.06
N SER A 98 40.04 13.35 15.90
CA SER A 98 39.65 12.73 14.61
C SER A 98 38.15 12.86 14.40
N THR A 99 37.72 12.75 13.14
CA THR A 99 36.36 13.11 12.67
C THR A 99 35.72 11.95 11.90
N THR A 100 34.38 11.88 11.99
CA THR A 100 33.50 11.04 11.13
C THR A 100 32.18 11.77 10.88
N THR A 101 31.27 11.09 10.19
CA THR A 101 29.90 11.51 9.91
C THR A 101 28.97 10.42 10.40
N VAL A 102 27.82 10.82 10.92
CA VAL A 102 26.69 9.94 11.33
C VAL A 102 25.50 10.43 10.54
N LEU A 103 25.08 9.63 9.57
CA LEU A 103 23.86 9.83 8.76
C LEU A 103 22.73 9.13 9.49
N VAL A 104 21.79 9.92 10.01
CA VAL A 104 20.48 9.42 10.53
C VAL A 104 19.46 9.61 9.42
N ASN A 105 19.19 8.54 8.69
CA ASN A 105 18.18 8.47 7.61
C ASN A 105 16.82 8.23 8.26
N VAL A 106 15.82 8.97 7.79
CA VAL A 106 14.44 8.99 8.35
C VAL A 106 13.45 8.66 7.23
N ASN A 107 12.52 7.74 7.46
CA ASN A 107 11.40 7.43 6.53
C ASN A 107 10.23 8.37 6.82
N ASP A 108 9.58 8.90 5.78
CA ASP A 108 8.37 9.75 5.87
C ASP A 108 7.17 8.91 6.33
N ILE A 109 6.43 9.34 7.37
CA ILE A 109 5.07 8.81 7.69
C ILE A 109 4.05 9.93 7.45
N ASN A 110 2.80 9.54 7.28
CA ASN A 110 1.68 10.47 7.02
C ASN A 110 1.29 11.11 8.36
N ASP A 111 2.02 12.15 8.77
CA ASP A 111 1.75 12.87 10.05
C ASP A 111 1.38 14.34 9.77
N ASN A 112 1.12 14.75 8.52
CA ASN A 112 0.65 16.12 8.19
C ASN A 112 -0.68 16.02 7.44
N VAL A 113 -1.68 16.74 7.93
CA VAL A 113 -3.05 16.85 7.35
C VAL A 113 -2.97 17.83 6.19
N PRO A 114 -3.59 17.52 5.02
CA PRO A 114 -3.66 18.49 3.93
C PRO A 114 -4.51 19.65 4.45
N THR A 115 -3.98 20.87 4.43
CA THR A 115 -4.50 22.08 5.12
C THR A 115 -4.81 23.19 4.12
N PHE A 116 -6.05 23.64 4.06
CA PHE A 116 -6.43 24.86 3.31
C PHE A 116 -6.00 26.05 4.16
N PRO A 117 -5.54 27.16 3.56
CA PRO A 117 -5.07 28.29 4.38
C PRO A 117 -6.19 29.06 5.11
N ARG A 118 -7.44 28.93 4.64
CA ARG A 118 -8.65 29.53 5.28
CA ARG A 118 -8.68 29.56 5.20
C ARG A 118 -9.78 28.48 5.31
N ASP A 119 -10.60 28.52 6.36
CA ASP A 119 -11.71 27.57 6.62
C ASP A 119 -12.91 27.98 5.77
N TYR A 120 -12.88 29.22 5.28
CA TYR A 120 -14.00 29.80 4.50
C TYR A 120 -13.42 30.85 3.56
N GLU A 121 -13.86 30.79 2.31
CA GLU A 121 -13.61 31.82 1.30
C GLU A 121 -14.90 32.09 0.54
N GLY A 122 -15.14 33.37 0.24
CA GLY A 122 -16.41 33.84 -0.33
C GLY A 122 -16.52 35.34 -0.21
N PRO A 123 -17.50 35.95 -0.88
CA PRO A 123 -18.32 35.25 -1.85
C PRO A 123 -17.69 35.26 -3.26
N PHE A 124 -17.87 34.17 -4.01
CA PHE A 124 -17.45 34.01 -5.43
C PHE A 124 -18.69 34.18 -6.29
N ASP A 125 -18.68 35.16 -7.16
CA ASP A 125 -19.82 35.48 -8.06
C ASP A 125 -19.83 34.55 -9.27
N VAL A 126 -21.02 34.12 -9.69
CA VAL A 126 -21.27 33.25 -10.88
C VAL A 126 -22.59 33.69 -11.51
N THR A 127 -22.60 33.96 -12.81
CA THR A 127 -23.81 34.43 -13.52
C THR A 127 -24.64 33.21 -13.87
N GLU A 128 -25.94 33.28 -13.62
CA GLU A 128 -26.97 32.31 -14.09
C GLU A 128 -27.04 32.39 -15.61
N GLY A 129 -27.60 31.35 -16.23
CA GLY A 129 -27.97 31.36 -17.66
C GLY A 129 -26.77 31.18 -18.58
N GLN A 130 -25.65 30.68 -18.07
CA GLN A 130 -24.48 30.42 -18.95
C GLN A 130 -23.85 29.10 -18.56
N PRO A 131 -23.40 28.31 -19.57
CA PRO A 131 -22.86 26.97 -19.34
C PRO A 131 -21.44 26.97 -18.79
N GLY A 132 -21.19 26.14 -17.80
CA GLY A 132 -19.86 25.74 -17.34
C GLY A 132 -18.95 26.85 -16.81
N PRO A 133 -19.43 28.01 -16.28
CA PRO A 133 -18.53 29.04 -15.76
C PRO A 133 -17.57 28.55 -14.66
N ARG A 134 -16.34 29.04 -14.71
CA ARG A 134 -15.32 28.77 -13.66
CA ARG A 134 -15.32 28.78 -13.66
C ARG A 134 -15.77 29.51 -12.37
N VAL A 135 -15.46 28.96 -11.20
CA VAL A 135 -15.66 29.67 -9.91
C VAL A 135 -14.28 30.15 -9.47
N TRP A 136 -13.42 29.25 -9.00
CA TRP A 136 -12.09 29.60 -8.43
C TRP A 136 -11.27 28.32 -8.20
N THR A 137 -10.00 28.48 -7.87
CA THR A 137 -9.04 27.38 -7.61
C THR A 137 -8.76 27.36 -6.11
N PHE A 138 -8.93 26.21 -5.48
CA PHE A 138 -8.59 25.95 -4.06
C PHE A 138 -7.38 25.01 -4.00
N LEU A 139 -6.52 25.23 -3.02
CA LEU A 139 -5.25 24.48 -2.85
C LEU A 139 -5.06 24.23 -1.33
N ALA A 140 -5.02 22.97 -0.93
CA ALA A 140 -4.57 22.54 0.40
C ALA A 140 -3.09 22.14 0.32
N HIS A 141 -2.28 22.61 1.27
CA HIS A 141 -0.83 22.26 1.38
CA HIS A 141 -0.84 22.27 1.39
C HIS A 141 -0.70 21.03 2.29
N ASP A 142 0.16 20.10 1.89
CA ASP A 142 0.50 18.92 2.72
C ASP A 142 2.03 18.88 2.87
N ARG A 143 2.52 18.96 4.10
CA ARG A 143 3.97 19.09 4.41
CA ARG A 143 3.98 19.08 4.40
C ARG A 143 4.69 17.76 4.16
N ASP A 144 3.96 16.63 4.06
CA ASP A 144 4.58 15.31 3.77
C ASP A 144 5.07 15.24 2.33
N SER A 145 5.80 14.18 2.02
CA SER A 145 6.38 13.88 0.70
C SER A 145 5.76 12.60 0.11
N GLY A 146 5.99 12.35 -1.18
CA GLY A 146 5.42 11.17 -1.86
C GLY A 146 3.90 11.20 -1.84
N PRO A 147 3.26 10.00 -1.94
CA PRO A 147 1.81 9.84 -1.73
C PRO A 147 1.25 10.52 -0.48
N ASN A 148 2.04 10.55 0.59
CA ASN A 148 1.69 11.12 1.90
C ASN A 148 1.42 12.61 1.71
N GLY A 149 2.06 13.23 0.73
CA GLY A 149 1.93 14.67 0.44
C GLY A 149 1.05 15.00 -0.73
N GLN A 150 0.51 14.00 -1.45
CA GLN A 150 -0.32 14.24 -2.67
C GLN A 150 -1.78 14.37 -2.24
N VAL A 151 -2.50 15.34 -2.82
CA VAL A 151 -3.85 15.74 -2.42
C VAL A 151 -4.84 15.54 -3.57
N GLU A 152 -5.96 14.95 -3.25
CA GLU A 152 -7.15 14.82 -4.12
C GLU A 152 -8.26 15.69 -3.53
N TYR A 153 -8.94 16.43 -4.40
CA TYR A 153 -10.04 17.36 -4.08
C TYR A 153 -11.39 16.70 -4.44
N SER A 154 -12.43 17.03 -3.67
CA SER A 154 -13.84 16.67 -4.00
C SER A 154 -14.81 17.70 -3.38
N VAL A 155 -16.02 17.75 -3.93
CA VAL A 155 -17.19 18.45 -3.36
C VAL A 155 -17.95 17.43 -2.54
N VAL A 156 -18.07 17.60 -1.23
CA VAL A 156 -18.73 16.58 -0.35
C VAL A 156 -20.05 17.11 0.20
N ASP A 157 -20.41 18.37 0.02
CA ASP A 157 -21.70 18.88 0.58
C ASP A 157 -22.07 20.21 -0.07
N GLY A 158 -23.35 20.54 -0.03
CA GLY A 158 -23.90 21.84 -0.45
C GLY A 158 -24.23 21.92 -1.92
N ASP A 159 -24.03 20.84 -2.68
CA ASP A 159 -24.36 20.77 -4.14
C ASP A 159 -25.49 19.78 -4.38
N PRO A 160 -26.73 20.01 -3.89
CA PRO A 160 -27.78 18.98 -3.91
C PRO A 160 -28.25 18.56 -5.32
N LEU A 161 -28.14 19.44 -6.32
CA LEU A 161 -28.53 19.12 -7.73
C LEU A 161 -27.32 18.60 -8.56
N GLY A 162 -26.11 18.53 -8.00
CA GLY A 162 -24.90 18.08 -8.75
C GLY A 162 -24.55 19.03 -9.92
N GLU A 163 -24.50 20.34 -9.66
CA GLU A 163 -24.22 21.36 -10.70
C GLU A 163 -22.73 21.70 -10.80
N PHE A 164 -21.92 21.30 -9.82
CA PHE A 164 -20.50 21.71 -9.65
C PHE A 164 -19.57 20.51 -9.69
N VAL A 165 -18.33 20.77 -10.10
CA VAL A 165 -17.20 19.80 -10.00
C VAL A 165 -15.96 20.57 -9.60
N ILE A 166 -15.16 19.99 -8.71
CA ILE A 166 -13.77 20.44 -8.49
C ILE A 166 -12.86 19.40 -9.14
N SER A 167 -11.98 19.82 -10.04
CA SER A 167 -11.02 18.91 -10.71
C SER A 167 -10.21 18.21 -9.61
N PRO A 168 -10.10 16.87 -9.63
CA PRO A 168 -9.57 16.13 -8.47
C PRO A 168 -8.08 16.36 -8.13
N VAL A 169 -7.23 16.71 -9.10
CA VAL A 169 -5.78 16.96 -8.88
C VAL A 169 -5.53 18.47 -8.77
N GLU A 170 -6.10 19.28 -9.68
CA GLU A 170 -5.75 20.72 -9.84
C GLU A 170 -6.64 21.63 -8.95
N GLY A 171 -7.72 21.14 -8.33
CA GLY A 171 -8.51 21.93 -7.36
C GLY A 171 -9.28 23.10 -7.98
N VAL A 172 -9.68 23.01 -9.27
CA VAL A 172 -10.41 24.09 -10.00
C VAL A 172 -11.92 23.80 -9.86
N LEU A 173 -12.64 24.67 -9.18
CA LEU A 173 -14.08 24.52 -8.94
C LEU A 173 -14.79 25.22 -10.08
N ARG A 174 -15.69 24.50 -10.74
CA ARG A 174 -16.50 25.09 -11.85
CA ARG A 174 -16.49 25.08 -11.86
C ARG A 174 -17.91 24.48 -11.86
N VAL A 175 -18.82 25.16 -12.53
CA VAL A 175 -20.15 24.59 -12.85
C VAL A 175 -19.89 23.53 -13.93
N ARG A 176 -20.60 22.40 -13.92
CA ARG A 176 -20.40 21.35 -14.97
C ARG A 176 -20.68 21.97 -16.33
N LYS A 177 -19.90 21.49 -17.29
CA LYS A 177 -19.84 21.84 -18.72
C LYS A 177 -21.19 22.23 -19.31
N ASP A 178 -22.20 21.39 -19.13
CA ASP A 178 -23.44 21.62 -19.93
CA ASP A 178 -23.50 21.37 -19.84
C ASP A 178 -24.59 22.01 -18.97
N VAL A 179 -24.21 22.58 -17.83
CA VAL A 179 -25.15 23.02 -16.75
C VAL A 179 -25.16 24.54 -16.65
N GLU A 180 -26.35 25.13 -16.58
CA GLU A 180 -26.56 26.57 -16.25
C GLU A 180 -27.18 26.72 -14.86
N LEU A 181 -26.70 27.67 -14.07
CA LEU A 181 -27.31 28.08 -12.79
C LEU A 181 -28.57 28.93 -13.11
N ASP A 182 -29.43 29.04 -12.12
CA ASP A 182 -30.71 29.79 -12.20
C ASP A 182 -30.96 30.39 -10.80
N ARG A 183 -30.85 31.71 -10.64
CA ARG A 183 -30.86 32.38 -9.30
C ARG A 183 -32.15 32.05 -8.53
N GLU A 184 -33.29 32.01 -9.22
CA GLU A 184 -34.61 31.77 -8.59
C GLU A 184 -34.72 30.34 -8.07
N THR A 185 -33.94 29.41 -8.62
CA THR A 185 -33.92 27.99 -8.21
C THR A 185 -33.07 27.88 -6.94
N ILE A 186 -31.82 28.32 -7.05
CA ILE A 186 -30.88 28.49 -5.90
C ILE A 186 -30.04 29.76 -6.10
N ALA A 187 -30.04 30.65 -5.12
CA ALA A 187 -29.43 32.00 -5.20
C ALA A 187 -28.02 31.96 -4.59
N PHE A 188 -27.76 31.09 -3.63
CA PHE A 188 -26.48 31.02 -2.89
CA PHE A 188 -26.45 31.03 -2.93
C PHE A 188 -26.13 29.55 -2.65
N TYR A 189 -24.86 29.21 -2.70
CA TYR A 189 -24.36 27.86 -2.37
C TYR A 189 -23.33 28.05 -1.27
N ASN A 190 -23.31 27.10 -0.33
CA ASN A 190 -22.16 26.92 0.58
C ASN A 190 -21.66 25.50 0.37
N LEU A 191 -20.60 25.35 -0.45
CA LEU A 191 -20.02 24.04 -0.84
C LEU A 191 -18.91 23.63 0.13
N THR A 192 -18.98 22.43 0.68
CA THR A 192 -17.85 21.87 1.48
C THR A 192 -16.90 21.22 0.47
N ILE A 193 -15.63 21.65 0.46
CA ILE A 193 -14.54 21.12 -0.38
C ILE A 193 -13.68 20.25 0.55
N CYS A 194 -13.44 18.99 0.18
CA CYS A 194 -12.58 18.04 0.91
C CYS A 194 -11.23 17.94 0.18
N ALA A 195 -10.13 18.06 0.94
CA ALA A 195 -8.75 17.69 0.57
C ALA A 195 -8.33 16.44 1.36
N ARG A 196 -8.01 15.37 0.65
CA ARG A 196 -7.59 14.04 1.18
C ARG A 196 -6.21 13.71 0.57
N ASP A 197 -5.25 13.29 1.40
CA ASP A 197 -3.91 12.89 0.91
C ASP A 197 -3.96 11.42 0.51
N ARG A 198 -2.86 10.86 -0.01
CA ARG A 198 -2.81 9.45 -0.48
C ARG A 198 -1.92 8.65 0.46
N GLY A 199 -1.77 9.10 1.71
CA GLY A 199 -1.07 8.33 2.76
C GLY A 199 -1.95 7.21 3.25
N VAL A 200 -1.37 6.31 4.04
CA VAL A 200 -2.06 5.21 4.74
C VAL A 200 -1.77 5.35 6.23
N PRO A 201 -2.78 5.57 7.11
CA PRO A 201 -4.14 5.88 6.69
C PRO A 201 -4.18 7.29 6.12
N PRO A 202 -5.20 7.65 5.30
CA PRO A 202 -5.23 8.97 4.70
C PRO A 202 -5.66 10.01 5.74
N LEU A 203 -5.21 11.24 5.56
CA LEU A 203 -5.65 12.40 6.38
C LEU A 203 -6.37 13.36 5.44
N SER A 204 -7.38 14.08 5.96
CA SER A 204 -8.19 15.03 5.18
C SER A 204 -8.63 16.22 6.04
N SER A 205 -8.94 17.32 5.39
CA SER A 205 -9.64 18.47 6.01
C SER A 205 -10.61 19.06 4.97
N THR A 206 -11.49 19.96 5.40
CA THR A 206 -12.53 20.58 4.56
C THR A 206 -12.44 22.10 4.72
N MET A 207 -12.89 22.82 3.69
CA MET A 207 -13.14 24.27 3.79
C MET A 207 -14.50 24.53 3.15
N LEU A 208 -15.04 25.71 3.40
CA LEU A 208 -16.36 26.18 2.94
C LEU A 208 -16.13 27.25 1.86
N VAL A 209 -16.85 27.12 0.76
CA VAL A 209 -16.82 28.08 -0.37
C VAL A 209 -18.21 28.68 -0.52
N GLY A 210 -18.30 29.99 -0.39
CA GLY A 210 -19.54 30.76 -0.59
C GLY A 210 -19.66 31.23 -2.02
N ILE A 211 -20.71 30.78 -2.71
CA ILE A 211 -21.02 31.11 -4.13
C ILE A 211 -22.24 32.02 -4.12
N ARG A 212 -22.19 33.18 -4.76
CA ARG A 212 -23.39 34.04 -4.99
C ARG A 212 -23.79 33.94 -6.47
N VAL A 213 -25.07 33.65 -6.74
CA VAL A 213 -25.55 33.56 -8.14
C VAL A 213 -26.09 34.91 -8.59
N LEU A 214 -25.51 35.48 -9.66
CA LEU A 214 -25.92 36.80 -10.23
C LEU A 214 -27.04 36.64 -11.27
N ASP A 215 -28.00 37.55 -11.26
CA ASP A 215 -29.02 37.74 -12.32
C ASP A 215 -28.31 38.04 -13.65
N ILE A 216 -28.88 37.54 -14.74
CA ILE A 216 -28.27 37.58 -16.10
C ILE A 216 -28.15 39.03 -16.56
N ASN A 217 -28.63 39.99 -15.74
CA ASN A 217 -28.23 41.42 -15.77
C ASN A 217 -27.16 41.69 -14.71
N ASN B 2 11.45 -60.12 11.57
CA ASN B 2 11.07 -58.80 12.19
C ASN B 2 10.78 -57.74 11.12
N ALA B 3 10.21 -58.09 9.96
CA ALA B 3 9.81 -57.13 8.90
C ALA B 3 8.56 -56.33 9.33
N PRO B 4 8.68 -55.07 9.80
CA PRO B 4 7.56 -54.37 10.43
C PRO B 4 6.40 -54.01 9.48
N VAL B 5 5.16 -54.05 10.04
CA VAL B 5 3.88 -54.08 9.27
C VAL B 5 3.03 -52.89 9.69
N PHE B 6 2.85 -51.91 8.79
CA PHE B 6 1.86 -50.81 8.96
C PHE B 6 0.46 -51.41 8.91
N GLN B 7 -0.44 -50.97 9.80
CA GLN B 7 -1.83 -51.47 9.94
C GLN B 7 -2.70 -51.02 8.75
N GLN B 8 -2.77 -49.71 8.50
CA GLN B 8 -3.43 -49.18 7.28
C GLN B 8 -2.40 -49.20 6.14
N PRO B 9 -2.83 -49.49 4.89
CA PRO B 9 -1.93 -49.40 3.73
C PRO B 9 -1.60 -47.93 3.41
N HIS B 10 -2.60 -47.05 3.46
CA HIS B 10 -2.47 -45.56 3.39
C HIS B 10 -3.05 -44.93 4.65
N TYR B 11 -2.54 -43.75 5.00
CA TYR B 11 -3.08 -42.86 6.06
C TYR B 11 -3.48 -41.54 5.38
N GLU B 12 -4.43 -40.82 5.96
CA GLU B 12 -4.90 -39.54 5.38
C GLU B 12 -5.69 -38.73 6.40
N VAL B 13 -5.69 -37.42 6.21
CA VAL B 13 -6.43 -36.42 7.02
C VAL B 13 -6.75 -35.22 6.11
N VAL B 14 -7.87 -34.57 6.35
CA VAL B 14 -8.32 -33.34 5.61
C VAL B 14 -8.71 -32.31 6.67
N LEU B 15 -8.26 -31.05 6.50
CA LEU B 15 -8.55 -29.95 7.44
C LEU B 15 -8.17 -28.61 6.81
N ASP B 16 -8.64 -27.50 7.39
CA ASP B 16 -8.46 -26.14 6.84
C ASP B 16 -6.98 -25.74 7.03
N GLU B 17 -6.36 -25.13 6.02
CA GLU B 17 -5.06 -24.43 6.21
C GLU B 17 -5.26 -23.34 7.26
N GLY B 18 -4.17 -22.81 7.84
CA GLY B 18 -4.24 -21.58 8.64
C GLY B 18 -3.36 -21.62 9.89
N PRO B 19 -3.19 -20.47 10.58
CA PRO B 19 -2.20 -20.33 11.64
C PRO B 19 -2.50 -21.20 12.88
N ASP B 20 -3.78 -21.48 13.16
CA ASP B 20 -4.20 -22.25 14.37
C ASP B 20 -3.94 -23.75 14.15
N THR B 21 -3.53 -24.17 12.94
CA THR B 21 -3.11 -25.57 12.66
C THR B 21 -1.72 -25.85 13.25
N ILE B 22 -0.93 -24.82 13.55
CA ILE B 22 0.45 -24.95 14.12
C ILE B 22 0.39 -25.69 15.46
N ASN B 23 1.33 -26.61 15.68
CA ASN B 23 1.58 -27.37 16.94
C ASN B 23 0.41 -28.31 17.24
N THR B 24 -0.47 -28.59 16.26
CA THR B 24 -1.65 -29.48 16.42
C THR B 24 -1.28 -30.91 15.97
N SER B 25 -1.69 -31.93 16.74
CA SER B 25 -1.61 -33.37 16.37
C SER B 25 -2.60 -33.63 15.23
N LEU B 26 -2.13 -34.23 14.13
CA LEU B 26 -2.90 -34.39 12.87
C LEU B 26 -3.33 -35.85 12.70
N ILE B 27 -2.43 -36.79 12.97
CA ILE B 27 -2.64 -38.24 12.70
C ILE B 27 -1.58 -39.06 13.44
N THR B 28 -1.96 -40.24 13.94
CA THR B 28 -1.07 -41.22 14.63
C THR B 28 -0.91 -42.42 13.68
N VAL B 29 0.34 -42.71 13.32
CA VAL B 29 0.70 -43.91 12.51
C VAL B 29 1.20 -44.99 13.49
N GLN B 30 0.95 -46.27 13.18
CA GLN B 30 1.39 -47.37 14.07
C GLN B 30 1.72 -48.64 13.23
N ALA B 31 2.86 -49.27 13.62
CA ALA B 31 3.41 -50.51 13.02
C ALA B 31 3.82 -51.49 14.15
N LEU B 32 3.60 -52.80 13.94
CA LEU B 32 4.01 -53.91 14.84
C LEU B 32 4.96 -54.86 14.10
N ASP B 33 6.03 -55.33 14.76
CA ASP B 33 7.00 -56.32 14.20
C ASP B 33 6.22 -57.48 13.56
N GLY B 40 12.07 -55.94 19.09
CA GLY B 40 10.72 -55.70 18.53
C GLY B 40 10.35 -54.21 18.46
N THR B 41 10.97 -53.36 19.28
CA THR B 41 10.59 -51.93 19.50
C THR B 41 10.84 -51.12 18.22
N VAL B 42 9.80 -50.49 17.68
CA VAL B 42 9.81 -49.79 16.37
C VAL B 42 9.89 -48.27 16.61
N THR B 43 10.68 -47.56 15.78
CA THR B 43 10.73 -46.09 15.68
C THR B 43 10.29 -45.64 14.27
N TYR B 44 9.63 -44.49 14.20
CA TYR B 44 9.02 -43.95 12.96
C TYR B 44 9.84 -42.74 12.51
N ALA B 45 9.78 -42.40 11.22
CA ALA B 45 10.51 -41.27 10.62
C ALA B 45 9.76 -40.75 9.40
N ILE B 46 9.77 -39.43 9.18
CA ILE B 46 9.37 -38.81 7.87
C ILE B 46 10.65 -38.67 7.03
N VAL B 47 10.66 -39.21 5.80
CA VAL B 47 11.93 -39.33 5.02
C VAL B 47 11.82 -38.58 3.68
N ALA B 48 10.62 -38.27 3.18
CA ALA B 48 10.46 -37.43 1.97
C ALA B 48 9.08 -36.81 2.00
N GLY B 49 8.86 -35.81 1.15
CA GLY B 49 7.62 -35.02 1.05
C GLY B 49 7.47 -33.97 2.14
N ASN B 50 8.39 -33.89 3.12
CA ASN B 50 8.26 -32.96 4.26
C ASN B 50 8.66 -31.53 3.82
N ILE B 51 7.82 -30.89 3.02
CA ILE B 51 8.09 -29.55 2.42
C ILE B 51 8.33 -28.60 3.59
N ILE B 52 9.48 -27.92 3.55
CA ILE B 52 10.04 -26.90 4.50
C ILE B 52 9.91 -27.33 5.96
N ASN B 53 9.95 -28.65 6.22
CA ASN B 53 9.92 -29.20 7.59
C ASN B 53 8.66 -28.73 8.29
N THR B 54 7.53 -28.89 7.61
CA THR B 54 6.19 -28.51 8.12
C THR B 54 5.78 -29.52 9.21
N PHE B 55 6.17 -30.79 9.04
CA PHE B 55 5.76 -31.92 9.92
C PHE B 55 6.94 -32.38 10.78
N ARG B 56 6.63 -32.87 11.99
CA ARG B 56 7.56 -33.67 12.81
C ARG B 56 6.79 -34.88 13.36
N ILE B 57 7.45 -36.04 13.39
CA ILE B 57 6.89 -37.29 13.95
C ILE B 57 7.50 -37.50 15.33
N ASN B 58 6.71 -38.02 16.28
CA ASN B 58 7.28 -38.68 17.48
C ASN B 58 7.81 -40.04 17.00
N LYS B 59 9.13 -40.21 17.03
CA LYS B 59 9.80 -41.47 16.60
C LYS B 59 9.21 -42.68 17.34
N HIS B 60 8.73 -42.52 18.58
CA HIS B 60 8.27 -43.62 19.47
C HIS B 60 6.76 -43.86 19.30
N THR B 61 5.92 -42.81 19.48
CA THR B 61 4.44 -42.92 19.47
C THR B 61 3.91 -42.88 18.03
N GLY B 62 4.67 -42.29 17.09
CA GLY B 62 4.26 -42.20 15.66
C GLY B 62 3.06 -41.17 15.44
N VAL B 63 3.11 -40.13 16.36
CA VAL B 63 2.25 -38.91 16.31
C VAL B 63 2.85 -37.89 15.32
N ILE B 64 2.16 -37.67 14.19
CA ILE B 64 2.49 -36.60 13.19
C ILE B 64 1.84 -35.29 13.64
N THR B 65 2.66 -34.27 13.92
CA THR B 65 2.23 -32.92 14.35
C THR B 65 2.68 -31.89 13.30
N ALA B 66 1.89 -30.84 13.14
CA ALA B 66 2.24 -29.65 12.32
C ALA B 66 3.23 -28.80 13.11
N ALA B 67 4.52 -28.87 12.79
CA ALA B 67 5.58 -28.00 13.36
C ALA B 67 5.38 -26.56 12.85
N LYS B 68 4.90 -26.41 11.61
CA LYS B 68 4.57 -25.10 10.98
C LYS B 68 3.10 -25.07 10.53
N GLU B 69 2.63 -23.86 10.27
CA GLU B 69 1.28 -23.58 9.75
C GLU B 69 1.09 -24.34 8.43
N LEU B 70 0.00 -25.10 8.30
CA LEU B 70 -0.36 -25.77 7.02
C LEU B 70 -0.81 -24.69 6.04
N ASP B 71 -0.41 -24.85 4.79
CA ASP B 71 -0.48 -23.81 3.73
C ASP B 71 -0.99 -24.45 2.44
N TYR B 72 -2.18 -24.07 1.99
CA TYR B 72 -2.77 -24.65 0.76
C TYR B 72 -1.88 -24.25 -0.43
N GLU B 73 -1.26 -23.06 -0.36
CA GLU B 73 -0.52 -22.47 -1.50
C GLU B 73 0.76 -23.27 -1.75
N ILE B 74 1.48 -23.67 -0.70
CA ILE B 74 2.79 -24.35 -0.90
C ILE B 74 2.51 -25.82 -1.25
N SER B 75 1.34 -26.36 -0.88
CA SER B 75 1.00 -27.81 -0.97
C SER B 75 0.06 -28.11 -2.14
N HIS B 76 -0.49 -27.08 -2.79
CA HIS B 76 -1.55 -27.15 -3.84
C HIS B 76 -2.68 -28.09 -3.37
N GLY B 77 -2.92 -28.15 -2.04
CA GLY B 77 -4.06 -28.86 -1.42
C GLY B 77 -3.69 -30.22 -0.83
N ARG B 78 -2.43 -30.68 -0.98
CA ARG B 78 -2.00 -32.01 -0.48
C ARG B 78 -0.49 -32.06 -0.21
N TYR B 79 -0.10 -32.32 1.03
CA TYR B 79 1.27 -32.81 1.37
C TYR B 79 1.23 -34.34 1.30
N THR B 80 2.20 -34.93 0.63
CA THR B 80 2.42 -36.39 0.54
C THR B 80 3.71 -36.75 1.30
N LEU B 81 3.54 -37.21 2.54
CA LEU B 81 4.65 -37.61 3.42
C LEU B 81 4.97 -39.09 3.20
N ILE B 82 6.25 -39.41 2.99
CA ILE B 82 6.76 -40.80 2.98
C ILE B 82 7.28 -41.08 4.39
N VAL B 83 6.74 -42.11 5.03
CA VAL B 83 6.98 -42.43 6.46
C VAL B 83 7.48 -43.88 6.56
N THR B 84 8.53 -44.09 7.36
CA THR B 84 9.16 -45.41 7.57
C THR B 84 8.94 -45.90 9.01
N ALA B 85 8.94 -47.23 9.14
CA ALA B 85 8.94 -47.92 10.45
C ALA B 85 10.14 -48.89 10.46
N THR B 86 11.09 -48.58 11.37
CA THR B 86 12.37 -49.33 11.55
C THR B 86 12.36 -50.00 12.92
N ASP B 87 12.68 -51.29 12.96
CA ASP B 87 12.98 -51.99 14.24
C ASP B 87 14.27 -51.38 14.82
N GLN B 88 14.71 -51.86 15.98
CA GLN B 88 15.98 -51.41 16.62
C GLN B 88 16.86 -52.62 16.91
N CYS B 89 17.21 -53.40 15.88
CA CYS B 89 18.27 -54.44 15.94
C CYS B 89 19.58 -53.76 16.32
N PRO B 90 20.46 -54.43 17.11
CA PRO B 90 21.70 -53.82 17.57
C PRO B 90 22.58 -53.36 16.39
N ILE B 91 22.68 -54.23 15.36
CA ILE B 91 23.44 -53.98 14.11
C ILE B 91 22.57 -53.12 13.17
N LEU B 92 22.82 -51.80 13.19
CA LEU B 92 22.13 -50.74 12.38
C LEU B 92 21.99 -51.17 10.92
N SER B 93 23.01 -51.82 10.37
CA SER B 93 23.09 -52.31 8.97
C SER B 93 21.85 -53.15 8.63
N HIS B 94 21.57 -54.20 9.41
CA HIS B 94 20.53 -55.22 9.10
C HIS B 94 19.22 -54.95 9.88
N ARG B 95 18.96 -53.68 10.24
CA ARG B 95 17.63 -53.20 10.70
C ARG B 95 16.66 -53.22 9.53
N LEU B 96 15.45 -53.75 9.74
CA LEU B 96 14.42 -53.91 8.69
C LEU B 96 13.40 -52.78 8.83
N THR B 97 13.07 -52.16 7.69
CA THR B 97 12.19 -50.96 7.66
C THR B 97 11.07 -51.22 6.65
N SER B 98 9.88 -50.71 7.01
CA SER B 98 8.68 -50.70 6.14
C SER B 98 8.25 -49.25 5.93
N THR B 99 7.57 -49.02 4.80
CA THR B 99 7.17 -47.66 4.35
C THR B 99 5.65 -47.57 4.30
N THR B 100 5.12 -46.35 4.52
CA THR B 100 3.74 -45.94 4.20
C THR B 100 3.72 -44.46 3.83
N THR B 101 2.62 -44.03 3.21
CA THR B 101 2.33 -42.66 2.74
C THR B 101 1.25 -42.06 3.65
N VAL B 102 1.46 -40.83 4.11
CA VAL B 102 0.43 -40.04 4.84
C VAL B 102 0.04 -38.85 3.95
N LEU B 103 -1.25 -38.77 3.64
CA LEU B 103 -1.81 -37.69 2.79
C LEU B 103 -2.45 -36.66 3.72
N VAL B 104 -1.82 -35.48 3.85
CA VAL B 104 -2.39 -34.33 4.59
C VAL B 104 -3.12 -33.44 3.57
N ASN B 105 -4.42 -33.68 3.39
CA ASN B 105 -5.28 -32.81 2.52
C ASN B 105 -5.63 -31.56 3.33
N VAL B 106 -5.54 -30.43 2.64
CA VAL B 106 -5.67 -29.06 3.22
C VAL B 106 -6.67 -28.28 2.37
N ASN B 107 -7.61 -27.57 3.02
CA ASN B 107 -8.63 -26.75 2.32
C ASN B 107 -8.14 -25.30 2.24
N ASP B 108 -8.39 -24.65 1.10
CA ASP B 108 -7.97 -23.25 0.84
C ASP B 108 -8.89 -22.35 1.69
N ILE B 109 -8.28 -21.42 2.44
CA ILE B 109 -9.02 -20.25 3.06
C ILE B 109 -8.57 -18.99 2.33
N ASN B 110 -9.29 -17.88 2.54
CA ASN B 110 -8.97 -16.59 1.90
C ASN B 110 -7.95 -15.83 2.75
N ASP B 111 -6.66 -16.20 2.65
CA ASP B 111 -5.53 -15.59 3.43
C ASP B 111 -4.53 -14.90 2.47
N ASN B 112 -4.97 -14.50 1.28
CA ASN B 112 -4.11 -13.71 0.34
C ASN B 112 -4.91 -12.59 -0.33
N VAL B 113 -4.36 -11.37 -0.27
CA VAL B 113 -4.95 -10.15 -0.86
C VAL B 113 -4.64 -10.12 -2.35
N PRO B 114 -5.62 -9.80 -3.24
CA PRO B 114 -5.33 -9.54 -4.64
C PRO B 114 -4.45 -8.29 -4.74
N THR B 115 -3.32 -8.39 -5.41
CA THR B 115 -2.20 -7.41 -5.33
C THR B 115 -1.75 -7.08 -6.74
N PHE B 116 -1.67 -5.80 -7.03
CA PHE B 116 -1.14 -5.24 -8.29
C PHE B 116 0.37 -5.22 -8.16
N PRO B 117 1.11 -5.49 -9.25
CA PRO B 117 2.56 -5.49 -9.18
C PRO B 117 3.09 -4.08 -8.84
N ARG B 118 2.35 -3.01 -9.19
CA ARG B 118 2.81 -1.61 -8.99
C ARG B 118 1.70 -0.83 -8.30
N ASP B 119 2.08 0.03 -7.35
CA ASP B 119 1.18 0.97 -6.63
C ASP B 119 0.62 2.01 -7.60
N TYR B 120 1.39 2.40 -8.61
CA TYR B 120 1.06 3.51 -9.52
C TYR B 120 1.46 3.10 -10.94
N GLU B 121 0.62 3.41 -11.91
CA GLU B 121 0.98 3.28 -13.34
C GLU B 121 0.50 4.53 -14.06
N GLY B 122 1.31 4.98 -15.00
CA GLY B 122 1.04 6.13 -15.86
C GLY B 122 2.28 7.00 -15.89
N PRO B 123 2.18 8.22 -16.39
CA PRO B 123 0.91 8.74 -16.86
C PRO B 123 0.48 8.17 -18.22
N PHE B 124 -0.83 8.00 -18.42
CA PHE B 124 -1.48 7.63 -19.69
C PHE B 124 -2.05 8.90 -20.32
N ASP B 125 -1.71 9.16 -21.57
CA ASP B 125 -2.20 10.34 -22.33
C ASP B 125 -3.52 9.93 -23.00
N VAL B 126 -4.63 10.63 -22.71
CA VAL B 126 -5.94 10.37 -23.36
C VAL B 126 -6.45 11.66 -24.00
N THR B 127 -6.93 11.58 -25.22
CA THR B 127 -7.43 12.75 -25.97
C THR B 127 -8.84 13.10 -25.48
N GLU B 128 -9.11 14.39 -25.26
CA GLU B 128 -10.48 14.91 -25.05
C GLU B 128 -11.27 14.77 -26.36
N GLY B 129 -12.58 14.94 -26.28
CA GLY B 129 -13.44 15.21 -27.44
C GLY B 129 -13.60 13.98 -28.32
N GLN B 130 -13.16 12.79 -27.89
CA GLN B 130 -13.44 11.53 -28.62
CA GLN B 130 -13.42 11.51 -28.61
C GLN B 130 -14.22 10.62 -27.67
N PRO B 131 -15.29 9.95 -28.16
CA PRO B 131 -16.07 9.05 -27.31
C PRO B 131 -15.36 7.76 -26.87
N GLY B 132 -15.48 7.45 -25.58
CA GLY B 132 -15.10 6.18 -24.93
C GLY B 132 -13.77 5.57 -25.40
N PRO B 133 -12.65 6.30 -25.53
CA PRO B 133 -11.38 5.66 -25.84
C PRO B 133 -10.87 4.76 -24.70
N ARG B 134 -10.26 3.64 -25.08
CA ARG B 134 -9.71 2.67 -24.10
CA ARG B 134 -9.64 2.63 -24.17
C ARG B 134 -8.37 3.26 -23.59
N VAL B 135 -8.03 2.99 -22.33
CA VAL B 135 -6.77 3.54 -21.69
C VAL B 135 -5.70 2.44 -21.63
N TRP B 136 -5.96 1.40 -20.88
CA TRP B 136 -4.96 0.34 -20.55
C TRP B 136 -5.65 -0.82 -19.85
N THR B 137 -4.92 -1.89 -19.62
CA THR B 137 -5.38 -3.13 -18.97
C THR B 137 -4.53 -3.35 -17.72
N PHE B 138 -5.16 -3.70 -16.62
CA PHE B 138 -4.51 -3.81 -15.30
C PHE B 138 -4.78 -5.22 -14.79
N LEU B 139 -3.85 -5.79 -14.03
CA LEU B 139 -3.96 -7.18 -13.56
C LEU B 139 -3.44 -7.27 -12.12
N ALA B 140 -4.28 -7.72 -11.19
CA ALA B 140 -3.88 -8.10 -9.82
C ALA B 140 -3.79 -9.62 -9.74
N HIS B 141 -2.77 -10.11 -9.05
CA HIS B 141 -2.54 -11.53 -8.74
C HIS B 141 -3.22 -11.85 -7.40
N ASP B 142 -3.91 -12.97 -7.30
CA ASP B 142 -4.42 -13.49 -6.00
C ASP B 142 -3.88 -14.90 -5.83
N ARG B 143 -3.11 -15.18 -4.79
CA ARG B 143 -2.44 -16.50 -4.58
C ARG B 143 -3.46 -17.61 -4.26
N ASP B 144 -4.68 -17.28 -3.82
CA ASP B 144 -5.72 -18.30 -3.46
C ASP B 144 -6.24 -18.98 -4.75
N SER B 145 -7.16 -19.94 -4.58
CA SER B 145 -7.82 -20.71 -5.66
C SER B 145 -9.35 -20.53 -5.59
N GLY B 146 -10.05 -21.11 -6.59
CA GLY B 146 -11.50 -20.90 -6.81
C GLY B 146 -11.94 -19.47 -6.50
N PRO B 147 -13.08 -19.29 -5.79
CA PRO B 147 -13.61 -17.96 -5.49
C PRO B 147 -12.65 -17.07 -4.69
N ASN B 148 -11.85 -17.63 -3.79
CA ASN B 148 -10.84 -16.88 -2.98
C ASN B 148 -9.77 -16.21 -3.87
N GLY B 149 -9.53 -16.77 -5.07
CA GLY B 149 -8.51 -16.26 -6.01
C GLY B 149 -9.13 -15.54 -7.21
N GLN B 150 -10.44 -15.31 -7.19
CA GLN B 150 -11.20 -14.81 -8.36
C GLN B 150 -11.40 -13.29 -8.16
N VAL B 151 -10.86 -12.48 -9.07
CA VAL B 151 -10.68 -11.02 -8.88
C VAL B 151 -11.73 -10.25 -9.69
N GLU B 152 -12.31 -9.19 -9.13
CA GLU B 152 -13.10 -8.23 -9.95
C GLU B 152 -12.57 -6.81 -9.73
N TYR B 153 -12.53 -6.05 -10.81
CA TYR B 153 -11.98 -4.68 -10.85
C TYR B 153 -13.14 -3.68 -10.77
N SER B 154 -12.90 -2.54 -10.10
CA SER B 154 -13.79 -1.34 -10.12
C SER B 154 -12.98 -0.04 -10.03
N VAL B 155 -13.50 1.03 -10.60
CA VAL B 155 -13.04 2.41 -10.32
C VAL B 155 -13.77 2.90 -9.09
N VAL B 156 -13.05 3.24 -8.02
CA VAL B 156 -13.65 3.55 -6.70
C VAL B 156 -13.34 4.98 -6.25
N ASP B 157 -12.46 5.74 -6.93
CA ASP B 157 -12.13 7.13 -6.52
C ASP B 157 -11.41 7.89 -7.64
N GLY B 158 -11.43 9.22 -7.57
CA GLY B 158 -10.67 10.12 -8.47
C GLY B 158 -11.45 10.49 -9.72
N ASP B 159 -12.73 10.09 -9.78
CA ASP B 159 -13.56 10.14 -11.01
C ASP B 159 -14.91 10.77 -10.69
N PRO B 160 -14.96 12.08 -10.35
CA PRO B 160 -16.17 12.68 -9.81
C PRO B 160 -17.35 12.72 -10.79
N LEU B 161 -17.10 12.84 -12.11
CA LEU B 161 -18.16 12.86 -13.15
C LEU B 161 -18.52 11.44 -13.62
N GLY B 162 -17.90 10.40 -13.05
CA GLY B 162 -18.13 8.99 -13.43
C GLY B 162 -17.86 8.78 -14.92
N GLU B 163 -16.75 9.32 -15.44
CA GLU B 163 -16.33 9.26 -16.86
C GLU B 163 -15.62 7.93 -17.19
N PHE B 164 -15.10 7.18 -16.21
CA PHE B 164 -14.32 5.94 -16.46
C PHE B 164 -15.05 4.70 -15.98
N VAL B 165 -14.75 3.58 -16.63
CA VAL B 165 -15.17 2.22 -16.16
C VAL B 165 -14.01 1.26 -16.39
N ILE B 166 -13.83 0.29 -15.51
CA ILE B 166 -12.89 -0.84 -15.78
C ILE B 166 -13.74 -2.10 -15.87
N SER B 167 -13.59 -2.90 -16.94
CA SER B 167 -14.40 -4.13 -17.15
C SER B 167 -14.11 -5.05 -15.96
N PRO B 168 -15.14 -5.56 -15.25
CA PRO B 168 -14.92 -6.16 -13.94
C PRO B 168 -14.10 -7.46 -13.88
N VAL B 169 -14.16 -8.35 -14.89
CA VAL B 169 -13.32 -9.59 -14.87
C VAL B 169 -12.01 -9.31 -15.63
N GLU B 170 -12.05 -8.58 -16.74
CA GLU B 170 -10.92 -8.46 -17.72
C GLU B 170 -9.95 -7.30 -17.39
N GLY B 171 -10.35 -6.27 -16.61
CA GLY B 171 -9.43 -5.21 -16.14
C GLY B 171 -9.12 -4.16 -17.20
N VAL B 172 -9.97 -3.98 -18.21
CA VAL B 172 -9.70 -2.99 -19.27
C VAL B 172 -10.29 -1.66 -18.82
N LEU B 173 -9.44 -0.68 -18.50
CA LEU B 173 -9.86 0.70 -18.18
C LEU B 173 -10.21 1.44 -19.48
N ARG B 174 -11.37 2.10 -19.52
CA ARG B 174 -11.74 2.98 -20.65
C ARG B 174 -12.47 4.21 -20.10
N VAL B 175 -12.52 5.27 -20.89
CA VAL B 175 -13.57 6.30 -20.77
C VAL B 175 -14.87 5.58 -21.13
N ARG B 176 -15.99 5.86 -20.44
CA ARG B 176 -17.30 5.20 -20.73
C ARG B 176 -17.70 5.43 -22.19
N LYS B 177 -18.44 4.47 -22.73
CA LYS B 177 -18.98 4.56 -24.11
C LYS B 177 -19.90 5.78 -24.15
N ASP B 178 -19.74 6.61 -25.17
CA ASP B 178 -20.56 7.83 -25.42
C ASP B 178 -20.22 8.95 -24.41
N VAL B 179 -19.08 8.88 -23.72
CA VAL B 179 -18.55 9.99 -22.90
C VAL B 179 -17.29 10.54 -23.56
N GLU B 180 -17.15 11.86 -23.60
CA GLU B 180 -15.92 12.55 -24.04
C GLU B 180 -15.32 13.26 -22.82
N LEU B 181 -14.02 13.11 -22.63
CA LEU B 181 -13.26 13.95 -21.67
C LEU B 181 -13.18 15.38 -22.21
N ASP B 182 -12.94 16.32 -21.30
CA ASP B 182 -12.90 17.78 -21.57
C ASP B 182 -11.77 18.41 -20.74
N ARG B 183 -10.65 18.71 -21.39
CA ARG B 183 -9.39 19.23 -20.78
C ARG B 183 -9.67 20.48 -19.93
N GLU B 184 -10.48 21.41 -20.41
CA GLU B 184 -10.87 22.66 -19.72
C GLU B 184 -11.49 22.34 -18.35
N THR B 185 -12.26 21.26 -18.22
CA THR B 185 -12.94 20.91 -16.96
C THR B 185 -11.93 20.11 -16.10
N ILE B 186 -11.39 19.02 -16.65
CA ILE B 186 -10.38 18.19 -15.92
C ILE B 186 -9.25 17.80 -16.89
N ALA B 187 -8.01 18.09 -16.51
CA ALA B 187 -6.83 17.93 -17.36
C ALA B 187 -6.00 16.78 -16.79
N PHE B 188 -6.19 16.42 -15.52
CA PHE B 188 -5.39 15.37 -14.84
C PHE B 188 -6.30 14.57 -13.91
N TYR B 189 -6.17 13.25 -13.92
CA TYR B 189 -6.79 12.36 -12.93
C TYR B 189 -5.72 11.48 -12.30
N ASN B 190 -5.99 11.04 -11.07
CA ASN B 190 -5.34 9.85 -10.49
C ASN B 190 -6.42 8.92 -9.95
N LEU B 191 -6.82 7.97 -10.78
CA LEU B 191 -7.96 7.05 -10.52
C LEU B 191 -7.49 5.98 -9.54
N THR B 192 -8.28 5.72 -8.50
CA THR B 192 -8.13 4.52 -7.65
C THR B 192 -8.84 3.36 -8.33
N ILE B 193 -8.11 2.29 -8.61
CA ILE B 193 -8.62 0.99 -9.14
C ILE B 193 -8.63 -0.02 -7.99
N CYS B 194 -9.75 -0.71 -7.77
CA CYS B 194 -9.91 -1.71 -6.70
C CYS B 194 -9.91 -3.10 -7.33
N ALA B 195 -9.08 -3.99 -6.79
CA ALA B 195 -9.16 -5.45 -7.04
C ALA B 195 -9.66 -6.11 -5.75
N ARG B 196 -10.75 -6.87 -5.87
CA ARG B 196 -11.46 -7.53 -4.75
C ARG B 196 -11.66 -8.99 -5.16
N ASP B 197 -11.38 -9.94 -4.25
CA ASP B 197 -11.58 -11.39 -4.50
C ASP B 197 -13.05 -11.72 -4.18
N ARG B 198 -13.47 -12.96 -4.46
CA ARG B 198 -14.86 -13.44 -4.22
C ARG B 198 -14.82 -14.41 -3.04
N GLY B 199 -13.93 -14.15 -2.07
CA GLY B 199 -13.76 -14.98 -0.86
C GLY B 199 -14.69 -14.54 0.24
N VAL B 200 -14.66 -15.23 1.39
CA VAL B 200 -15.56 -14.93 2.54
C VAL B 200 -14.74 -14.97 3.83
N PRO B 201 -14.54 -13.80 4.48
CA PRO B 201 -14.89 -12.49 3.92
C PRO B 201 -13.94 -12.11 2.79
N PRO B 202 -14.29 -11.12 1.93
CA PRO B 202 -13.47 -10.75 0.77
C PRO B 202 -12.29 -9.82 1.10
N LEU B 203 -11.20 -9.93 0.36
CA LEU B 203 -9.99 -9.10 0.54
C LEU B 203 -9.81 -8.26 -0.73
N SER B 204 -9.25 -7.06 -0.59
CA SER B 204 -9.06 -6.12 -1.71
C SER B 204 -7.80 -5.32 -1.52
N SER B 205 -7.36 -4.68 -2.60
CA SER B 205 -6.27 -3.68 -2.56
C SER B 205 -6.53 -2.69 -3.69
N THR B 206 -5.74 -1.62 -3.71
CA THR B 206 -5.92 -0.54 -4.69
C THR B 206 -4.61 -0.22 -5.37
N MET B 207 -4.71 0.36 -6.56
CA MET B 207 -3.56 0.98 -7.26
C MET B 207 -4.07 2.28 -7.85
N LEU B 208 -3.16 3.17 -8.24
CA LEU B 208 -3.48 4.50 -8.80
C LEU B 208 -3.09 4.51 -10.28
N VAL B 209 -3.93 5.10 -11.12
CA VAL B 209 -3.68 5.26 -12.58
C VAL B 209 -3.67 6.75 -12.94
N GLY B 210 -2.54 7.27 -13.39
CA GLY B 210 -2.38 8.69 -13.77
C GLY B 210 -2.89 8.89 -15.19
N ILE B 211 -3.80 9.84 -15.38
CA ILE B 211 -4.42 10.19 -16.69
C ILE B 211 -4.08 11.66 -16.92
N ARG B 212 -3.46 11.95 -18.05
CA ARG B 212 -3.29 13.33 -18.56
C ARG B 212 -4.19 13.43 -19.77
N VAL B 213 -5.03 14.46 -19.81
CA VAL B 213 -5.95 14.74 -20.94
C VAL B 213 -5.20 15.63 -21.95
N LEU B 214 -5.15 15.20 -23.21
CA LEU B 214 -4.59 15.98 -24.33
C LEU B 214 -5.69 16.82 -25.00
N ASP B 215 -5.31 18.02 -25.42
CA ASP B 215 -6.06 18.82 -26.42
C ASP B 215 -6.45 17.91 -27.59
N ILE B 216 -7.63 18.18 -28.17
CA ILE B 216 -8.26 17.46 -29.31
C ILE B 216 -7.27 17.32 -30.47
N ASN B 217 -6.44 18.34 -30.70
CA ASN B 217 -5.53 18.41 -31.89
C ASN B 217 -4.11 17.98 -31.50
N ASP B 218 -3.88 17.57 -30.26
CA ASP B 218 -2.51 17.25 -29.79
C ASP B 218 -2.28 15.74 -30.04
N ASN B 219 -2.17 15.33 -31.30
CA ASN B 219 -1.98 13.89 -31.63
C ASN B 219 -1.13 13.76 -32.89
N LEU B 220 -0.61 12.56 -33.09
CA LEU B 220 0.23 12.22 -34.26
C LEU B 220 -0.49 12.61 -35.56
N GLU B 221 -1.79 12.33 -35.65
CA GLU B 221 -2.53 12.43 -36.95
C GLU B 221 -2.68 13.93 -37.29
N HIS B 222 -3.00 14.80 -36.33
CA HIS B 222 -3.08 16.28 -36.58
C HIS B 222 -1.68 16.83 -36.89
N HIS B 223 -0.66 16.51 -36.08
CA HIS B 223 0.72 17.09 -36.20
C HIS B 223 1.39 16.67 -37.50
N HIS B 224 1.31 15.38 -37.87
CA HIS B 224 1.86 14.84 -39.15
C HIS B 224 1.21 15.56 -40.34
N HIS B 225 -0.11 15.78 -40.32
CA HIS B 225 -0.89 16.24 -41.50
C HIS B 225 -0.89 17.77 -41.67
N HIS B 226 -0.15 18.52 -40.84
CA HIS B 226 0.00 20.00 -40.93
C HIS B 226 1.48 20.37 -41.16
N HIS B 227 1.94 20.40 -42.41
CA HIS B 227 3.32 20.79 -42.78
C HIS B 227 3.28 21.90 -43.82
CA CA C . 7.00 14.72 10.76
CA CA D . 5.82 13.08 7.45
CA CA E . -0.19 14.07 4.53
CA CA F . -7.65 -14.07 -2.01
CA CA G . -5.19 -19.63 0.70
CA CA H . -1.94 -20.00 2.95
#